data_4TV1
#
_entry.id   4TV1
#
_cell.length_a   55.890
_cell.length_b   84.060
_cell.length_c   58.360
_cell.angle_alpha   90.00
_cell.angle_beta   108.78
_cell.angle_gamma   90.00
#
_symmetry.space_group_name_H-M   'P 1 21 1'
#
loop_
_entity.id
_entity.type
_entity.pdbx_description
1 polymer 'Estrogen receptor'
2 polymer 'Estrogen receptor'
3 polymer 'Nuclear receptor coactivator 1'
4 non-polymer 'propyl 4-hydroxybenzoate'
5 non-polymer GLYCEROL
6 non-polymer 1,2-ETHANEDIOL
7 non-polymer DI(HYDROXYETHYL)ETHER
8 water water
#
loop_
_entity_poly.entity_id
_entity_poly.type
_entity_poly.pdbx_seq_one_letter_code
_entity_poly.pdbx_strand_id
1 'polypeptide(L)'
;KKNSLALSLTADQMVSALLDAEPPILYSEYDPTRPFSEASMMGLLTNLADRELVHMINWAKRVPGFVDLTLHDQVHLLE
(CSO)AWLEILMIGLVWRSMEHPGKLLFAPNLLLDRNQGK(CSO)VEGMVEIFDMLLATSSRFRMMNLQGEEFVCLKSII
LLNSGVYTFLSSTLKSLEEKDHIHRVLDKITDTLIHLMAKAGLTLQQQHQRLAQLLLILSHIRHMSNKGMEHLYSMK
(CSO)KNVVPLSDLLLEMLDAHRLHAP
;
A
2 'polypeptide(L)'
;KKNSLALSLTADQMVSALLDAEPPILYSEYDPTRPFSEASMMGLLTNLADRELVHMINWAKRVPGFVDLTLHDQVHLLE
(CSO)AWLEILMIGLVWRSMEHPGKLLFAPNLLLDRNQGK(CSO)VEGMVEIFDMLLATSSRFRMMNLQGEEFVCLKSII
LLNSGVYTFLSSTLKSLEEKDHIHRVLDKITDTLIHLMAKAGLTLQQQHQRLAQLLLILSHIRHMSNKGMEHLYSMKCKN
VVPLSDLLLEMLDAHRLHAP
;
B
3 'polypeptide(L)' RHKILHRLLQEGS C,D
#
# COMPACT_ATOMS: atom_id res chain seq x y z
N SER A 4 -10.16 14.40 22.87
CA SER A 4 -11.59 14.21 22.78
C SER A 4 -12.18 14.76 21.47
N LEU A 5 -13.38 14.31 21.12
CA LEU A 5 -14.07 13.26 21.88
C LEU A 5 -13.61 11.90 21.41
N ALA A 6 -13.15 11.83 20.17
CA ALA A 6 -12.58 10.61 19.61
C ALA A 6 -11.38 10.17 20.45
N LEU A 7 -10.57 11.13 20.86
CA LEU A 7 -9.34 10.80 21.58
C LEU A 7 -9.62 10.41 23.03
N SER A 8 -10.85 10.65 23.48
CA SER A 8 -11.26 10.29 24.84
C SER A 8 -11.86 8.89 24.93
N LEU A 9 -12.05 8.24 23.79
CA LEU A 9 -12.64 6.91 23.79
C LEU A 9 -11.69 5.88 24.37
N THR A 10 -12.23 4.94 25.14
CA THR A 10 -11.48 3.76 25.52
C THR A 10 -11.45 2.82 24.31
N ALA A 11 -10.62 1.78 24.40
CA ALA A 11 -10.53 0.79 23.33
C ALA A 11 -11.89 0.11 23.14
N ASP A 12 -12.53 -0.27 24.25
CA ASP A 12 -13.83 -0.91 24.16
C ASP A 12 -14.86 -0.01 23.51
N GLN A 13 -14.83 1.28 23.82
CA GLN A 13 -15.77 2.22 23.22
C GLN A 13 -15.48 2.45 21.74
N MET A 14 -14.21 2.45 21.37
CA MET A 14 -13.82 2.57 19.96
C MET A 14 -14.39 1.41 19.15
N VAL A 15 -14.19 0.20 19.65
CA VAL A 15 -14.70 -1.02 19.00
C VAL A 15 -16.23 -0.97 18.84
N SER A 16 -16.90 -0.59 19.92
CA SER A 16 -18.36 -0.50 19.88
CA SER A 16 -18.36 -0.47 19.92
C SER A 16 -18.85 0.53 18.87
N ALA A 17 -18.23 1.71 18.82
CA ALA A 17 -18.61 2.72 17.85
C ALA A 17 -18.43 2.22 16.41
N LEU A 18 -17.30 1.58 16.14
CA LEU A 18 -17.03 1.09 14.78
C LEU A 18 -17.96 -0.04 14.41
N LEU A 19 -18.20 -0.96 15.34
CA LEU A 19 -19.10 -2.06 15.04
C LEU A 19 -20.50 -1.53 14.78
N ASP A 20 -20.90 -0.51 15.52
CA ASP A 20 -22.22 0.07 15.37
C ASP A 20 -22.37 0.79 14.04
N ALA A 21 -21.27 1.34 13.53
CA ALA A 21 -21.31 2.17 12.32
C ALA A 21 -21.36 1.34 11.04
N GLU A 22 -21.21 0.03 11.18
CA GLU A 22 -21.05 -0.84 10.02
C GLU A 22 -22.22 -0.73 9.04
N PRO A 23 -21.93 -0.58 7.74
CA PRO A 23 -23.03 -0.50 6.78
C PRO A 23 -23.61 -1.88 6.50
N PRO A 24 -24.80 -1.91 5.88
CA PRO A 24 -25.45 -3.19 5.58
C PRO A 24 -24.84 -3.84 4.37
N ILE A 25 -25.09 -5.13 4.21
CA ILE A 25 -24.76 -5.83 2.98
C ILE A 25 -25.89 -5.62 1.98
N LEU A 26 -25.56 -5.00 0.85
CA LEU A 26 -26.57 -4.66 -0.16
C LEU A 26 -26.71 -5.75 -1.22
N TYR A 27 -27.84 -5.73 -1.94
CA TYR A 27 -28.05 -6.66 -3.04
C TYR A 27 -27.68 -6.04 -4.38
N SER A 28 -27.29 -6.89 -5.34
CA SER A 28 -27.03 -6.45 -6.70
CA SER A 28 -27.03 -6.41 -6.69
C SER A 28 -28.31 -6.46 -7.54
N GLU A 29 -28.25 -5.88 -8.73
CA GLU A 29 -29.38 -5.92 -9.66
C GLU A 29 -29.28 -7.13 -10.60
N TYR A 30 -28.65 -8.20 -10.13
CA TYR A 30 -28.42 -9.36 -10.99
C TYR A 30 -29.73 -9.96 -11.52
N ASP A 31 -29.80 -10.12 -12.83
CA ASP A 31 -30.95 -10.76 -13.47
C ASP A 31 -30.53 -12.09 -14.11
N PRO A 32 -30.93 -13.19 -13.48
CA PRO A 32 -30.55 -14.53 -13.94
C PRO A 32 -31.29 -14.97 -15.20
N THR A 33 -32.11 -14.09 -15.76
CA THR A 33 -32.89 -14.42 -16.95
CA THR A 33 -32.89 -14.39 -16.94
C THR A 33 -32.02 -14.31 -18.20
N ARG A 34 -30.90 -13.61 -18.10
CA ARG A 34 -30.04 -13.42 -19.24
C ARG A 34 -28.59 -13.80 -18.95
N PRO A 35 -27.85 -14.21 -19.98
CA PRO A 35 -26.43 -14.52 -19.78
C PRO A 35 -25.64 -13.24 -19.50
N PHE A 36 -24.50 -13.38 -18.83
CA PHE A 36 -23.61 -12.26 -18.61
C PHE A 36 -22.97 -11.82 -19.91
N SER A 37 -22.76 -10.51 -20.04
CA SER A 37 -21.84 -9.98 -21.01
C SER A 37 -20.83 -9.15 -20.22
N GLU A 38 -19.74 -8.74 -20.87
CA GLU A 38 -18.81 -7.81 -20.23
C GLU A 38 -19.55 -6.59 -19.70
N ALA A 39 -20.39 -6.00 -20.55
CA ALA A 39 -21.09 -4.79 -20.16
C ALA A 39 -22.05 -5.03 -19.01
N SER A 40 -22.73 -6.18 -18.99
CA SER A 40 -23.74 -6.37 -17.95
C SER A 40 -23.07 -6.72 -16.63
N MET A 41 -21.98 -7.48 -16.67
CA MET A 41 -21.28 -7.79 -15.42
C MET A 41 -20.68 -6.53 -14.83
N MET A 42 -19.96 -5.76 -15.64
CA MET A 42 -19.44 -4.47 -15.17
C MET A 42 -20.54 -3.54 -14.64
N GLY A 43 -21.69 -3.52 -15.31
CA GLY A 43 -22.82 -2.74 -14.87
C GLY A 43 -23.29 -3.12 -13.48
N LEU A 44 -23.35 -4.41 -13.20
CA LEU A 44 -23.73 -4.86 -11.86
C LEU A 44 -22.75 -4.36 -10.79
N LEU A 45 -21.45 -4.46 -11.06
CA LEU A 45 -20.47 -4.04 -10.08
C LEU A 45 -20.46 -2.53 -9.89
N THR A 46 -20.64 -1.76 -10.97
CA THR A 46 -20.62 -0.31 -10.82
C THR A 46 -21.90 0.20 -10.17
N ASN A 47 -23.03 -0.40 -10.52
CA ASN A 47 -24.29 -0.07 -9.85
C ASN A 47 -24.19 -0.37 -8.35
N LEU A 48 -23.62 -1.53 -8.02
CA LEU A 48 -23.44 -1.91 -6.62
C LEU A 48 -22.52 -0.94 -5.91
N ALA A 49 -21.38 -0.62 -6.54
CA ALA A 49 -20.41 0.29 -5.93
C ALA A 49 -21.08 1.62 -5.63
N ASP A 50 -21.85 2.11 -6.59
CA ASP A 50 -22.55 3.37 -6.40
C ASP A 50 -23.49 3.36 -5.21
N ARG A 51 -24.25 2.29 -5.03
CA ARG A 51 -25.15 2.24 -3.88
C ARG A 51 -24.37 2.08 -2.57
N GLU A 52 -23.30 1.29 -2.60
CA GLU A 52 -22.47 1.17 -1.39
C GLU A 52 -21.81 2.48 -1.01
N LEU A 53 -21.48 3.31 -2.00
CA LEU A 53 -20.78 4.56 -1.72
C LEU A 53 -21.64 5.47 -0.86
N VAL A 54 -22.94 5.47 -1.07
CA VAL A 54 -23.79 6.31 -0.26
C VAL A 54 -23.74 5.87 1.19
N HIS A 55 -23.74 4.55 1.41
CA HIS A 55 -23.67 4.03 2.76
C HIS A 55 -22.29 4.27 3.36
N MET A 56 -21.26 4.26 2.51
CA MET A 56 -19.91 4.50 2.99
C MET A 56 -19.75 5.92 3.51
N ILE A 57 -20.33 6.86 2.78
CA ILE A 57 -20.21 8.25 3.17
C ILE A 57 -20.80 8.43 4.55
N ASN A 58 -21.92 7.78 4.81
CA ASN A 58 -22.56 7.89 6.11
C ASN A 58 -21.84 7.12 7.20
N TRP A 59 -21.23 5.99 6.83
CA TRP A 59 -20.34 5.28 7.74
C TRP A 59 -19.14 6.14 8.14
N ALA A 60 -18.54 6.82 7.18
CA ALA A 60 -17.32 7.61 7.43
C ALA A 60 -17.61 8.66 8.50
N LYS A 61 -18.78 9.29 8.38
CA LYS A 61 -19.24 10.29 9.33
CA LYS A 61 -19.16 10.32 9.34
C LYS A 61 -19.28 9.76 10.76
N ARG A 62 -19.38 8.43 10.88
CA ARG A 62 -19.49 7.81 12.20
C ARG A 62 -18.17 7.26 12.71
N VAL A 63 -17.11 7.39 11.92
CA VAL A 63 -15.79 6.96 12.38
C VAL A 63 -15.21 8.07 13.27
N PRO A 64 -14.93 7.74 14.54
CA PRO A 64 -14.45 8.77 15.47
C PRO A 64 -13.32 9.62 14.87
N GLY A 65 -13.46 10.94 14.94
CA GLY A 65 -12.44 11.83 14.41
C GLY A 65 -12.71 12.38 13.02
N PHE A 66 -13.47 11.64 12.21
CA PHE A 66 -13.66 12.05 10.83
C PHE A 66 -14.39 13.39 10.70
N VAL A 67 -15.48 13.56 11.45
CA VAL A 67 -16.29 14.77 11.24
C VAL A 67 -15.63 16.01 11.84
N ASP A 68 -14.52 15.81 12.55
CA ASP A 68 -13.74 16.93 13.09
C ASP A 68 -12.97 17.64 11.98
N LEU A 69 -12.77 16.95 10.87
CA LEU A 69 -12.02 17.50 9.75
C LEU A 69 -12.89 18.46 8.94
N THR A 70 -12.25 19.38 8.20
CA THR A 70 -13.00 20.23 7.28
C THR A 70 -13.64 19.37 6.19
N LEU A 71 -14.66 19.90 5.52
CA LEU A 71 -15.29 19.16 4.43
C LEU A 71 -14.31 18.83 3.31
N HIS A 72 -13.38 19.75 3.04
CA HIS A 72 -12.39 19.50 2.01
CA HIS A 72 -12.35 19.52 2.03
C HIS A 72 -11.53 18.29 2.37
N ASP A 73 -11.19 18.15 3.64
CA ASP A 73 -10.37 17.02 4.08
C ASP A 73 -11.18 15.72 4.09
N GLN A 74 -12.43 15.79 4.53
CA GLN A 74 -13.30 14.62 4.44
C GLN A 74 -13.42 14.15 3.00
N VAL A 75 -13.66 15.09 2.08
CA VAL A 75 -13.75 14.75 0.67
C VAL A 75 -12.46 14.06 0.21
N HIS A 76 -11.32 14.65 0.57
CA HIS A 76 -10.03 14.11 0.15
C HIS A 76 -9.82 12.66 0.64
N LEU A 77 -10.07 12.41 1.91
CA LEU A 77 -9.86 11.06 2.43
C LEU A 77 -10.75 10.04 1.73
N LEU A 78 -12.02 10.38 1.53
CA LEU A 78 -12.92 9.44 0.88
C LEU A 78 -12.54 9.26 -0.57
N GLU A 79 -12.15 10.34 -1.23
CA GLU A 79 -11.73 10.21 -2.62
C GLU A 79 -10.54 9.27 -2.74
N ALA A 81 -9.59 6.83 -0.55
CA ALA A 81 -9.78 5.50 0.02
C ALA A 81 -10.98 4.70 -0.47
N TRP A 82 -11.87 5.30 -1.27
CA TRP A 82 -13.16 4.63 -1.47
C TRP A 82 -13.05 3.21 -2.01
N LEU A 83 -12.17 2.98 -2.98
CA LEU A 83 -12.13 1.65 -3.61
C LEU A 83 -11.43 0.65 -2.69
N GLU A 84 -10.41 1.09 -1.96
CA GLU A 84 -9.81 0.27 -0.92
C GLU A 84 -10.85 -0.20 0.08
N ILE A 85 -11.71 0.71 0.50
CA ILE A 85 -12.74 0.40 1.46
C ILE A 85 -13.78 -0.57 0.87
N LEU A 86 -14.16 -0.37 -0.39
CA LEU A 86 -15.08 -1.33 -0.99
C LEU A 86 -14.43 -2.70 -1.10
N MET A 87 -13.16 -2.71 -1.47
CA MET A 87 -12.47 -3.99 -1.64
C MET A 87 -12.25 -4.72 -0.33
N ILE A 88 -11.87 -4.02 0.73
CA ILE A 88 -11.67 -4.76 1.97
C ILE A 88 -13.00 -5.35 2.47
N GLY A 89 -14.09 -4.62 2.24
CA GLY A 89 -15.40 -5.12 2.61
C GLY A 89 -15.77 -6.37 1.81
N LEU A 90 -15.49 -6.35 0.52
CA LEU A 90 -15.72 -7.53 -0.33
C LEU A 90 -14.90 -8.73 0.15
N VAL A 91 -13.64 -8.49 0.44
CA VAL A 91 -12.76 -9.57 0.87
C VAL A 91 -13.28 -10.17 2.19
N TRP A 92 -13.69 -9.30 3.11
CA TRP A 92 -14.30 -9.74 4.38
C TRP A 92 -15.55 -10.58 4.16
N ARG A 93 -16.48 -10.09 3.32
CA ARG A 93 -17.71 -10.84 3.03
C ARG A 93 -17.40 -12.19 2.43
N SER A 94 -16.28 -12.25 1.70
CA SER A 94 -15.94 -13.44 0.93
C SER A 94 -15.18 -14.51 1.74
N MET A 95 -14.80 -14.18 2.96
CA MET A 95 -13.96 -15.10 3.75
C MET A 95 -14.51 -16.51 3.87
N GLU A 96 -15.81 -16.64 4.07
CA GLU A 96 -16.44 -17.95 4.26
C GLU A 96 -16.81 -18.59 2.92
N HIS A 97 -16.22 -18.09 1.83
CA HIS A 97 -16.52 -18.64 0.51
C HIS A 97 -15.24 -18.83 -0.30
N PRO A 98 -14.42 -19.82 0.08
CA PRO A 98 -13.15 -20.01 -0.63
C PRO A 98 -13.35 -20.11 -2.13
N GLY A 99 -12.49 -19.45 -2.89
CA GLY A 99 -12.58 -19.48 -4.34
C GLY A 99 -13.62 -18.56 -4.94
N LYS A 100 -14.38 -17.85 -4.11
CA LYS A 100 -15.42 -16.98 -4.66
C LYS A 100 -15.37 -15.59 -4.07
N LEU A 101 -15.97 -14.62 -4.78
CA LEU A 101 -16.14 -13.28 -4.25
C LEU A 101 -17.63 -12.98 -4.09
N LEU A 102 -18.02 -12.70 -2.85
CA LEU A 102 -19.40 -12.40 -2.51
C LEU A 102 -19.63 -10.91 -2.69
N PHE A 103 -19.81 -10.47 -3.93
CA PHE A 103 -20.09 -9.06 -4.19
C PHE A 103 -21.39 -8.68 -3.50
N ALA A 104 -22.37 -9.58 -3.59
CA ALA A 104 -23.65 -9.40 -2.94
C ALA A 104 -24.19 -10.79 -2.66
N PRO A 105 -25.20 -10.90 -1.79
CA PRO A 105 -25.74 -12.24 -1.51
C PRO A 105 -26.32 -12.90 -2.75
N ASN A 106 -26.75 -12.10 -3.72
CA ASN A 106 -27.28 -12.63 -4.97
C ASN A 106 -26.25 -12.51 -6.09
N LEU A 107 -24.99 -12.27 -5.73
CA LEU A 107 -23.92 -12.13 -6.72
C LEU A 107 -22.60 -12.66 -6.17
N LEU A 108 -22.45 -13.98 -6.24
CA LEU A 108 -21.28 -14.70 -5.78
C LEU A 108 -20.56 -15.22 -7.03
N LEU A 109 -19.37 -14.70 -7.28
CA LEU A 109 -18.66 -14.95 -8.54
C LEU A 109 -17.32 -15.66 -8.30
N ASP A 110 -16.98 -16.59 -9.19
CA ASP A 110 -15.66 -17.21 -9.17
C ASP A 110 -14.75 -16.60 -10.24
N ARG A 111 -13.48 -17.00 -10.28
CA ARG A 111 -12.54 -16.33 -11.17
C ARG A 111 -12.91 -16.57 -12.63
N ASN A 112 -13.54 -17.72 -12.91
CA ASN A 112 -13.94 -18.03 -14.27
C ASN A 112 -14.99 -17.06 -14.79
N GLN A 113 -15.89 -16.65 -13.90
CA GLN A 113 -16.87 -15.62 -14.24
C GLN A 113 -16.22 -14.26 -14.42
N GLY A 114 -15.17 -14.01 -13.66
CA GLY A 114 -14.41 -12.77 -13.79
C GLY A 114 -13.82 -12.58 -15.17
N LYS A 115 -13.50 -13.68 -15.84
CA LYS A 115 -12.93 -13.60 -17.19
C LYS A 115 -13.88 -12.95 -18.19
N VAL A 117 -15.14 -10.11 -18.07
CA VAL A 117 -14.79 -8.71 -18.24
C VAL A 117 -13.29 -8.61 -18.52
N GLU A 118 -12.91 -7.96 -19.62
CA GLU A 118 -11.50 -7.92 -19.98
C GLU A 118 -10.71 -7.24 -18.87
N GLY A 119 -9.60 -7.85 -18.48
CA GLY A 119 -8.70 -7.32 -17.48
C GLY A 119 -9.12 -7.55 -16.03
N MET A 120 -10.31 -8.12 -15.83
CA MET A 120 -10.86 -8.23 -14.49
CA MET A 120 -10.85 -8.23 -14.49
C MET A 120 -10.34 -9.46 -13.74
N VAL A 121 -10.04 -10.55 -14.46
CA VAL A 121 -9.64 -11.76 -13.75
C VAL A 121 -8.40 -11.55 -12.88
N GLU A 122 -7.50 -10.68 -13.31
CA GLU A 122 -6.27 -10.39 -12.57
C GLU A 122 -6.61 -9.77 -11.21
N ILE A 123 -7.58 -8.87 -11.22
CA ILE A 123 -8.05 -8.25 -9.99
C ILE A 123 -8.78 -9.27 -9.11
N PHE A 124 -9.69 -10.06 -9.71
CA PHE A 124 -10.32 -11.14 -8.95
C PHE A 124 -9.28 -12.01 -8.24
N ASP A 125 -8.23 -12.41 -8.97
CA ASP A 125 -7.19 -13.25 -8.38
C ASP A 125 -6.51 -12.61 -7.17
N MET A 126 -6.24 -11.32 -7.25
CA MET A 126 -5.67 -10.63 -6.09
C MET A 126 -6.64 -10.60 -4.89
N LEU A 127 -7.91 -10.32 -5.16
CA LEU A 127 -8.92 -10.29 -4.11
C LEU A 127 -9.09 -11.65 -3.48
N LEU A 128 -9.09 -12.69 -4.30
CA LEU A 128 -9.20 -14.06 -3.76
C LEU A 128 -7.99 -14.41 -2.89
N ALA A 129 -6.80 -13.96 -3.29
CA ALA A 129 -5.59 -14.25 -2.52
C ALA A 129 -5.67 -13.54 -1.17
N THR A 130 -6.27 -12.36 -1.16
CA THR A 130 -6.41 -11.57 0.05
C THR A 130 -7.43 -12.22 0.98
N SER A 131 -8.52 -12.72 0.41
CA SER A 131 -9.52 -13.44 1.19
CA SER A 131 -9.51 -13.42 1.21
C SER A 131 -8.90 -14.69 1.81
N SER A 132 -8.08 -15.39 1.02
CA SER A 132 -7.33 -16.55 1.52
CA SER A 132 -7.33 -16.55 1.50
C SER A 132 -6.43 -16.16 2.70
N ARG A 133 -5.74 -15.04 2.57
CA ARG A 133 -4.89 -14.53 3.66
C ARG A 133 -5.69 -14.24 4.94
N PHE A 134 -6.86 -13.60 4.81
CA PHE A 134 -7.75 -13.34 5.95
C PHE A 134 -8.13 -14.66 6.63
N ARG A 135 -8.46 -15.66 5.83
CA ARG A 135 -8.80 -16.98 6.37
C ARG A 135 -7.62 -17.60 7.11
N MET A 136 -6.46 -17.57 6.47
CA MET A 136 -5.20 -18.07 7.06
C MET A 136 -4.96 -17.42 8.42
N MET A 137 -5.19 -16.10 8.50
CA MET A 137 -4.95 -15.35 9.73
C MET A 137 -6.09 -15.43 10.74
N ASN A 138 -7.20 -16.02 10.33
CA ASN A 138 -8.42 -16.00 11.13
C ASN A 138 -8.79 -14.58 11.58
N LEU A 139 -8.78 -13.65 10.63
CA LEU A 139 -9.17 -12.27 10.89
C LEU A 139 -10.53 -12.19 11.58
N GLN A 140 -10.59 -11.40 12.65
CA GLN A 140 -11.82 -11.23 13.42
C GLN A 140 -12.56 -9.97 12.98
N GLY A 141 -13.88 -9.99 13.17
CA GLY A 141 -14.72 -8.85 12.82
C GLY A 141 -14.29 -7.55 13.50
N GLU A 142 -13.86 -7.65 14.75
CA GLU A 142 -13.41 -6.46 15.45
C GLU A 142 -12.12 -5.91 14.84
N GLU A 143 -11.27 -6.81 14.37
CA GLU A 143 -10.03 -6.41 13.71
C GLU A 143 -10.34 -5.80 12.35
N PHE A 144 -11.28 -6.42 11.63
CA PHE A 144 -11.70 -5.91 10.34
C PHE A 144 -12.16 -4.46 10.43
N VAL A 145 -13.07 -4.14 11.36
CA VAL A 145 -13.55 -2.75 11.41
C VAL A 145 -12.44 -1.76 11.75
N CYS A 146 -11.47 -2.16 12.57
CA CYS A 146 -10.33 -1.29 12.83
C CYS A 146 -9.53 -1.03 11.55
N LEU A 147 -9.29 -2.08 10.76
CA LEU A 147 -8.50 -1.96 9.54
C LEU A 147 -9.22 -1.06 8.54
N LYS A 148 -10.54 -1.20 8.48
CA LYS A 148 -11.29 -0.40 7.53
C LYS A 148 -11.22 1.09 7.87
N SER A 149 -11.30 1.42 9.16
CA SER A 149 -11.16 2.81 9.58
CA SER A 149 -11.16 2.81 9.61
C SER A 149 -9.74 3.33 9.40
N ILE A 150 -8.74 2.46 9.60
CA ILE A 150 -7.35 2.87 9.33
C ILE A 150 -7.19 3.27 7.87
N ILE A 151 -7.74 2.47 6.96
CA ILE A 151 -7.69 2.82 5.54
C ILE A 151 -8.27 4.21 5.28
N LEU A 152 -9.47 4.46 5.82
CA LEU A 152 -10.11 5.76 5.61
C LEU A 152 -9.23 6.91 6.07
N LEU A 153 -8.64 6.76 7.25
CA LEU A 153 -7.85 7.86 7.82
C LEU A 153 -6.43 7.94 7.25
N ASN A 154 -5.86 6.80 6.86
CA ASN A 154 -4.46 6.78 6.45
C ASN A 154 -4.22 7.08 4.97
N SER A 155 -5.10 6.57 4.11
CA SER A 155 -4.75 6.51 2.69
C SER A 155 -4.46 7.89 2.09
N GLY A 156 -5.23 8.89 2.47
CA GLY A 156 -5.00 10.22 1.95
C GLY A 156 -4.28 11.17 2.89
N VAL A 157 -3.77 10.66 4.01
CA VAL A 157 -3.21 11.56 5.02
C VAL A 157 -1.90 12.22 4.60
N TYR A 158 -1.10 11.55 3.78
CA TYR A 158 0.15 12.18 3.31
C TYR A 158 0.00 12.86 1.95
N THR A 159 -1.25 13.11 1.56
CA THR A 159 -1.54 14.00 0.44
C THR A 159 -2.15 15.30 0.97
N PHE A 160 -2.02 15.53 2.27
CA PHE A 160 -2.45 16.78 2.90
C PHE A 160 -1.45 17.89 2.63
N GLU A 169 -1.69 19.88 12.22
CA GLU A 169 -2.87 20.15 13.05
C GLU A 169 -4.01 19.21 12.68
N GLU A 170 -4.59 19.41 11.50
CA GLU A 170 -5.55 18.45 10.98
C GLU A 170 -4.83 17.11 10.89
N LYS A 171 -3.65 17.13 10.27
CA LYS A 171 -2.81 15.95 10.16
C LYS A 171 -2.46 15.35 11.51
N ASP A 172 -2.12 16.19 12.47
CA ASP A 172 -1.75 15.71 13.79
C ASP A 172 -2.95 15.06 14.45
N HIS A 173 -4.13 15.62 14.20
CA HIS A 173 -5.35 15.06 14.74
C HIS A 173 -5.58 13.66 14.20
N ILE A 174 -5.39 13.51 12.89
CA ILE A 174 -5.60 12.21 12.24
C ILE A 174 -4.63 11.18 12.83
N HIS A 175 -3.39 11.58 13.04
CA HIS A 175 -2.41 10.63 13.54
C HIS A 175 -2.71 10.22 14.98
N ARG A 176 -3.26 11.14 15.76
CA ARG A 176 -3.70 10.79 17.10
C ARG A 176 -4.83 9.75 17.08
N VAL A 177 -5.77 9.93 16.15
CA VAL A 177 -6.83 8.95 16.00
C VAL A 177 -6.28 7.61 15.54
N LEU A 178 -5.37 7.64 14.57
CA LEU A 178 -4.74 6.41 14.09
C LEU A 178 -4.03 5.68 15.25
N ASP A 179 -3.39 6.43 16.14
CA ASP A 179 -2.71 5.81 17.30
C ASP A 179 -3.72 5.13 18.22
N LYS A 180 -4.86 5.76 18.40
CA LYS A 180 -5.95 5.20 19.18
C LYS A 180 -6.43 3.88 18.57
N ILE A 181 -6.46 3.80 17.23
CA ILE A 181 -6.91 2.56 16.64
C ILE A 181 -5.86 1.48 16.81
N THR A 182 -4.59 1.88 16.82
CA THR A 182 -3.53 0.92 17.09
C THR A 182 -3.68 0.36 18.50
N ASP A 183 -3.91 1.25 19.47
CA ASP A 183 -4.13 0.83 20.86
C ASP A 183 -5.30 -0.15 20.93
N THR A 184 -6.32 0.12 20.14
CA THR A 184 -7.52 -0.71 20.08
C THR A 184 -7.22 -2.09 19.50
N LEU A 185 -6.48 -2.15 18.41
CA LEU A 185 -6.10 -3.46 17.86
C LEU A 185 -5.33 -4.27 18.89
N ILE A 186 -4.39 -3.62 19.55
CA ILE A 186 -3.57 -4.31 20.54
C ILE A 186 -4.45 -4.81 21.69
N HIS A 187 -5.35 -3.97 22.16
CA HIS A 187 -6.30 -4.37 23.22
C HIS A 187 -7.13 -5.58 22.81
N LEU A 188 -7.63 -5.59 21.58
CA LEU A 188 -8.38 -6.74 21.09
C LEU A 188 -7.55 -8.02 21.14
N MET A 189 -6.29 -7.93 20.73
CA MET A 189 -5.45 -9.12 20.64
C MET A 189 -5.06 -9.63 22.02
N ALA A 190 -4.82 -8.70 22.93
CA ALA A 190 -4.48 -9.06 24.30
C ALA A 190 -5.70 -9.72 24.95
N LYS A 191 -6.89 -9.16 24.73
CA LYS A 191 -8.09 -9.73 25.31
C LYS A 191 -8.34 -11.12 24.73
N ALA A 192 -7.82 -11.35 23.52
CA ALA A 192 -7.96 -12.64 22.85
C ALA A 192 -6.93 -13.66 23.33
N GLY A 193 -6.03 -13.26 24.22
CA GLY A 193 -5.07 -14.20 24.77
C GLY A 193 -3.75 -14.34 24.03
N LEU A 194 -3.49 -13.44 23.08
CA LEU A 194 -2.20 -13.48 22.39
C LEU A 194 -1.09 -13.00 23.31
N THR A 195 0.07 -13.64 23.18
CA THR A 195 1.24 -13.20 23.93
C THR A 195 1.70 -11.83 23.44
N LEU A 196 2.50 -11.15 24.24
CA LEU A 196 3.05 -9.87 23.86
C LEU A 196 3.75 -9.90 22.51
N GLN A 197 4.59 -10.91 22.27
CA GLN A 197 5.28 -11.05 20.99
CA GLN A 197 5.28 -11.02 21.00
C GLN A 197 4.29 -11.28 19.86
N GLN A 198 3.32 -12.17 20.11
CA GLN A 198 2.28 -12.45 19.11
C GLN A 198 1.49 -11.19 18.77
N GLN A 199 1.33 -10.32 19.76
CA GLN A 199 0.62 -9.06 19.53
C GLN A 199 1.28 -8.17 18.49
N HIS A 200 2.57 -7.88 18.66
CA HIS A 200 3.24 -7.06 17.65
C HIS A 200 3.37 -7.78 16.31
N GLN A 201 3.58 -9.09 16.33
CA GLN A 201 3.67 -9.84 15.09
C GLN A 201 2.37 -9.76 14.29
N ARG A 202 1.25 -9.90 14.97
CA ARG A 202 -0.04 -9.91 14.30
C ARG A 202 -0.40 -8.50 13.85
N LEU A 203 -0.09 -7.51 14.68
CA LEU A 203 -0.33 -6.12 14.31
C LEU A 203 0.37 -5.85 12.98
N ALA A 204 1.62 -6.27 12.87
CA ALA A 204 2.37 -6.12 11.61
C ALA A 204 1.73 -6.87 10.44
N GLN A 205 1.34 -8.12 10.67
CA GLN A 205 0.73 -8.93 9.60
C GLN A 205 -0.54 -8.24 9.08
N LEU A 206 -1.34 -7.73 10.00
CA LEU A 206 -2.58 -7.05 9.61
C LEU A 206 -2.33 -5.78 8.82
N LEU A 207 -1.37 -4.97 9.27
CA LEU A 207 -1.11 -3.70 8.61
C LEU A 207 -0.42 -3.87 7.27
N LEU A 208 0.37 -4.93 7.14
CA LEU A 208 1.01 -5.22 5.86
C LEU A 208 0.00 -5.59 4.77
N ILE A 209 -1.14 -6.14 5.17
CA ILE A 209 -2.22 -6.43 4.21
CA ILE A 209 -2.13 -6.43 4.14
C ILE A 209 -2.71 -5.14 3.57
N LEU A 210 -2.64 -4.03 4.31
CA LEU A 210 -3.11 -2.76 3.76
C LEU A 210 -2.29 -2.29 2.55
N SER A 211 -1.04 -2.74 2.46
CA SER A 211 -0.22 -2.49 1.28
CA SER A 211 -0.26 -2.44 1.28
C SER A 211 -0.77 -3.20 0.06
N HIS A 212 -1.21 -4.44 0.29
CA HIS A 212 -1.80 -5.23 -0.78
CA HIS A 212 -1.81 -5.23 -0.78
C HIS A 212 -3.16 -4.65 -1.18
N ILE A 213 -3.92 -4.15 -0.20
CA ILE A 213 -5.21 -3.56 -0.52
C ILE A 213 -5.03 -2.28 -1.33
N ARG A 214 -4.03 -1.47 -0.99
CA ARG A 214 -3.72 -0.28 -1.80
C ARG A 214 -3.39 -0.67 -3.24
N HIS A 215 -2.57 -1.70 -3.38
CA HIS A 215 -2.19 -2.17 -4.71
C HIS A 215 -3.41 -2.59 -5.54
N MET A 216 -4.27 -3.41 -4.95
CA MET A 216 -5.50 -3.84 -5.64
C MET A 216 -6.38 -2.67 -6.01
N SER A 217 -6.53 -1.69 -5.12
CA SER A 217 -7.29 -0.49 -5.43
C SER A 217 -6.70 0.28 -6.61
N ASN A 218 -5.37 0.46 -6.62
CA ASN A 218 -4.73 1.12 -7.75
C ASN A 218 -4.97 0.39 -9.08
N LYS A 219 -4.87 -0.94 -9.04
CA LYS A 219 -5.11 -1.72 -10.25
C LYS A 219 -6.59 -1.67 -10.65
N GLY A 220 -7.49 -1.76 -9.67
CA GLY A 220 -8.93 -1.65 -9.94
C GLY A 220 -9.29 -0.28 -10.48
N MET A 221 -8.59 0.75 -10.03
CA MET A 221 -8.86 2.10 -10.50
C MET A 221 -8.44 2.26 -11.97
N GLU A 222 -7.27 1.73 -12.29
CA GLU A 222 -6.80 1.71 -13.68
C GLU A 222 -7.80 0.98 -14.59
N HIS A 223 -8.26 -0.17 -14.12
CA HIS A 223 -9.24 -0.98 -14.85
C HIS A 223 -10.57 -0.25 -15.05
N LEU A 224 -11.07 0.38 -13.99
CA LEU A 224 -12.33 1.13 -14.09
C LEU A 224 -12.19 2.29 -15.08
N TYR A 225 -11.06 2.99 -15.02
CA TYR A 225 -10.79 4.05 -15.97
C TYR A 225 -10.79 3.51 -17.41
N SER A 226 -10.22 2.33 -17.58
CA SER A 226 -10.23 1.67 -18.89
C SER A 226 -11.65 1.36 -19.38
N MET A 227 -12.50 0.82 -18.50
CA MET A 227 -13.90 0.59 -18.84
C MET A 227 -14.63 1.89 -19.23
N LYS A 228 -14.36 2.95 -18.48
CA LYS A 228 -14.95 4.26 -18.78
C LYS A 228 -14.49 4.78 -20.14
N LYS A 230 -13.49 3.16 -22.65
CA LYS A 230 -13.97 2.33 -23.75
C LYS A 230 -15.51 2.31 -23.82
N ASN A 231 -16.16 3.19 -23.05
CA ASN A 231 -17.63 3.24 -23.02
C ASN A 231 -18.29 1.88 -22.75
N VAL A 232 -17.71 1.08 -21.86
CA VAL A 232 -18.32 -0.21 -21.55
C VAL A 232 -19.61 -0.08 -20.74
N VAL A 233 -19.62 0.82 -19.76
CA VAL A 233 -20.77 1.03 -18.91
C VAL A 233 -20.85 2.49 -18.55
N PRO A 234 -22.08 2.99 -18.35
CA PRO A 234 -22.27 4.36 -17.88
C PRO A 234 -22.05 4.42 -16.38
N LEU A 235 -21.08 5.22 -15.96
CA LEU A 235 -20.83 5.45 -14.56
C LEU A 235 -21.71 6.59 -14.05
N SER A 236 -22.21 6.47 -12.82
CA SER A 236 -22.96 7.55 -12.18
C SER A 236 -22.07 8.78 -12.02
N ASP A 237 -22.69 9.95 -11.88
CA ASP A 237 -21.92 11.17 -11.67
C ASP A 237 -21.00 11.04 -10.46
N LEU A 238 -21.51 10.41 -9.41
CA LEU A 238 -20.73 10.22 -8.19
C LEU A 238 -19.51 9.37 -8.47
N LEU A 239 -19.71 8.22 -9.10
CA LEU A 239 -18.59 7.34 -9.45
C LEU A 239 -17.59 8.04 -10.35
N LEU A 240 -18.10 8.79 -11.32
CA LEU A 240 -17.22 9.52 -12.24
C LEU A 240 -16.30 10.48 -11.50
N GLU A 241 -16.83 11.14 -10.48
CA GLU A 241 -16.05 12.12 -9.73
C GLU A 241 -15.06 11.44 -8.79
N MET A 242 -15.47 10.33 -8.18
CA MET A 242 -14.57 9.54 -7.34
C MET A 242 -13.43 8.98 -8.17
N LEU A 243 -13.73 8.60 -9.40
CA LEU A 243 -12.69 8.09 -10.30
C LEU A 243 -11.77 9.20 -10.78
N ASP A 244 -12.36 10.34 -11.12
CA ASP A 244 -11.60 11.49 -11.60
C ASP A 244 -10.62 12.04 -10.57
N ALA A 245 -10.94 11.84 -9.29
CA ALA A 245 -10.04 12.27 -8.21
C ALA A 245 -8.68 11.56 -8.29
N HIS A 246 -8.65 10.42 -8.97
CA HIS A 246 -7.43 9.65 -9.12
C HIS A 246 -6.70 9.96 -10.42
N ARG A 247 -7.20 10.96 -11.14
CA ARG A 247 -6.59 11.46 -12.37
C ARG A 247 -6.91 10.56 -13.56
N LEU B 5 19.41 -20.12 8.13
CA LEU B 5 19.80 -19.63 9.46
C LEU B 5 19.14 -18.28 9.76
N ALA B 6 18.28 -17.82 8.86
CA ALA B 6 17.61 -16.54 9.04
C ALA B 6 16.73 -16.54 10.28
N LEU B 7 16.01 -17.64 10.49
CA LEU B 7 15.10 -17.73 11.63
C LEU B 7 15.83 -17.92 12.95
N SER B 8 17.15 -18.13 12.87
CA SER B 8 17.97 -18.32 14.05
CA SER B 8 17.98 -18.33 14.04
C SER B 8 18.68 -17.04 14.47
N LEU B 9 18.59 -16.01 13.63
CA LEU B 9 19.23 -14.75 13.93
C LEU B 9 18.60 -14.04 15.14
N THR B 10 19.44 -13.41 15.95
CA THR B 10 18.94 -12.55 17.01
C THR B 10 18.57 -11.20 16.38
N ALA B 11 17.81 -10.38 17.10
CA ALA B 11 17.48 -9.05 16.62
C ALA B 11 18.73 -8.25 16.27
N ASP B 12 19.73 -8.27 17.15
CA ASP B 12 20.95 -7.54 16.90
C ASP B 12 21.68 -8.05 15.67
N GLN B 13 21.62 -9.36 15.44
CA GLN B 13 22.26 -9.97 14.28
C GLN B 13 21.53 -9.64 12.98
N MET B 14 20.21 -9.58 13.06
CA MET B 14 19.41 -9.20 11.90
C MET B 14 19.79 -7.76 11.50
N VAL B 15 19.77 -6.85 12.45
CA VAL B 15 20.18 -5.45 12.22
C VAL B 15 21.57 -5.39 11.58
N SER B 16 22.53 -6.09 12.17
CA SER B 16 23.89 -6.09 11.62
CA SER B 16 23.89 -6.12 11.64
C SER B 16 23.92 -6.62 10.19
N ALA B 17 23.20 -7.71 9.95
CA ALA B 17 23.13 -8.26 8.61
C ALA B 17 22.57 -7.25 7.61
N LEU B 18 21.47 -6.59 7.99
CA LEU B 18 20.83 -5.63 7.08
C LEU B 18 21.68 -4.38 6.83
N LEU B 19 22.31 -3.86 7.89
CA LEU B 19 23.22 -2.72 7.73
C LEU B 19 24.39 -3.04 6.81
N ASP B 20 24.92 -4.25 6.95
CA ASP B 20 26.07 -4.69 6.14
C ASP B 20 25.69 -4.91 4.68
N ALA B 21 24.46 -5.36 4.45
CA ALA B 21 23.95 -5.62 3.11
C ALA B 21 23.73 -4.35 2.27
N GLU B 22 23.73 -3.18 2.91
CA GLU B 22 23.30 -1.94 2.24
C GLU B 22 24.05 -1.66 0.94
N PRO B 23 23.32 -1.27 -0.11
CA PRO B 23 23.99 -0.94 -1.36
C PRO B 23 24.69 0.41 -1.25
N PRO B 24 25.62 0.69 -2.18
CA PRO B 24 26.31 1.98 -2.15
C PRO B 24 25.44 3.12 -2.68
N ILE B 25 25.77 4.34 -2.31
CA ILE B 25 25.08 5.49 -2.89
C ILE B 25 25.78 5.86 -4.19
N LEU B 26 25.04 5.83 -5.29
CA LEU B 26 25.65 6.05 -6.60
C LEU B 26 25.59 7.51 -6.99
N TYR B 27 26.53 7.94 -7.83
CA TYR B 27 26.49 9.27 -8.37
C TYR B 27 25.80 9.27 -9.71
N SER B 28 25.23 10.40 -10.06
CA SER B 28 24.66 10.62 -11.39
CA SER B 28 24.68 10.59 -11.39
C SER B 28 25.81 10.98 -12.32
N GLU B 29 25.59 10.88 -13.63
CA GLU B 29 26.59 11.32 -14.59
C GLU B 29 26.30 12.78 -14.91
N TYR B 30 25.36 13.36 -14.17
CA TYR B 30 24.99 14.76 -14.34
C TYR B 30 26.20 15.68 -14.26
N ASP B 31 26.29 16.59 -15.22
CA ASP B 31 27.31 17.64 -15.22
C ASP B 31 26.62 18.93 -14.80
N PRO B 32 26.98 19.45 -13.62
CA PRO B 32 26.30 20.60 -13.00
C PRO B 32 26.37 21.88 -13.84
N THR B 33 27.09 21.82 -14.97
CA THR B 33 27.18 22.95 -15.90
C THR B 33 26.52 22.63 -17.23
N ARG B 34 25.32 22.06 -17.19
CA ARG B 34 24.61 21.67 -18.41
C ARG B 34 23.11 21.93 -18.35
N PHE B 36 19.19 21.63 -17.60
CA PHE B 36 18.30 20.49 -17.76
C PHE B 36 17.35 20.65 -18.94
N SER B 37 16.92 19.52 -19.49
CA SER B 37 15.82 19.47 -20.43
C SER B 37 14.97 18.29 -20.00
N GLU B 38 13.80 18.13 -20.62
CA GLU B 38 12.94 17.00 -20.28
C GLU B 38 13.62 15.67 -20.59
N ALA B 39 14.24 15.58 -21.77
CA ALA B 39 14.94 14.37 -22.18
C ALA B 39 16.15 14.14 -21.31
N SER B 40 16.86 15.22 -21.00
CA SER B 40 18.04 15.18 -20.16
C SER B 40 17.70 14.60 -18.79
N MET B 41 16.70 15.18 -18.13
CA MET B 41 16.37 14.78 -16.76
C MET B 41 15.90 13.33 -16.65
N MET B 42 14.98 12.93 -17.54
CA MET B 42 14.47 11.56 -17.48
C MET B 42 15.57 10.55 -17.80
N GLY B 43 16.48 10.92 -18.68
CA GLY B 43 17.61 10.07 -19.00
C GLY B 43 18.49 9.88 -17.79
N LEU B 44 18.70 10.95 -17.03
CA LEU B 44 19.53 10.87 -15.84
C LEU B 44 18.86 9.98 -14.78
N LEU B 45 17.55 10.14 -14.64
CA LEU B 45 16.84 9.36 -13.62
C LEU B 45 16.81 7.88 -13.99
N THR B 46 16.49 7.56 -15.25
CA THR B 46 16.42 6.16 -15.67
C THR B 46 17.80 5.51 -15.70
N ASN B 47 18.80 6.29 -16.08
CA ASN B 47 20.16 5.76 -16.06
C ASN B 47 20.56 5.40 -14.64
N LEU B 48 20.23 6.27 -13.70
CA LEU B 48 20.55 6.02 -12.30
C LEU B 48 19.76 4.83 -11.78
N ALA B 49 18.46 4.79 -12.11
CA ALA B 49 17.60 3.69 -11.67
C ALA B 49 18.15 2.35 -12.14
N ASP B 50 18.61 2.29 -13.38
CA ASP B 50 19.19 1.05 -13.93
C ASP B 50 20.42 0.62 -13.14
N ARG B 51 21.30 1.55 -12.83
CA ARG B 51 22.49 1.18 -12.07
C ARG B 51 22.16 0.77 -10.65
N GLU B 52 21.19 1.45 -10.04
CA GLU B 52 20.75 1.07 -8.69
C GLU B 52 20.15 -0.32 -8.64
N LEU B 53 19.43 -0.68 -9.71
CA LEU B 53 18.79 -2.00 -9.77
C LEU B 53 19.80 -3.15 -9.72
N VAL B 54 20.91 -2.99 -10.42
CA VAL B 54 21.95 -4.01 -10.35
C VAL B 54 22.43 -4.21 -8.92
N HIS B 55 22.67 -3.12 -8.20
CA HIS B 55 23.08 -3.23 -6.79
C HIS B 55 21.96 -3.75 -5.89
N MET B 56 20.71 -3.44 -6.25
CA MET B 56 19.57 -3.92 -5.47
C MET B 56 19.52 -5.44 -5.50
N ILE B 57 19.78 -6.01 -6.68
CA ILE B 57 19.78 -7.46 -6.79
C ILE B 57 20.80 -8.10 -5.84
N ASN B 58 22.00 -7.54 -5.77
CA ASN B 58 23.01 -8.04 -4.84
C ASN B 58 22.59 -7.89 -3.40
N TRP B 59 21.95 -6.76 -3.09
CA TRP B 59 21.48 -6.51 -1.75
C TRP B 59 20.44 -7.55 -1.34
N ALA B 60 19.51 -7.84 -2.24
CA ALA B 60 18.41 -8.73 -1.93
C ALA B 60 18.97 -10.08 -1.54
N LYS B 61 20.01 -10.50 -2.24
CA LYS B 61 20.61 -11.79 -1.98
C LYS B 61 21.19 -11.85 -0.57
N ARG B 62 21.47 -10.69 0.01
CA ARG B 62 22.01 -10.61 1.36
C ARG B 62 20.94 -10.41 2.44
N VAL B 63 19.69 -10.18 2.04
CA VAL B 63 18.61 -10.12 3.02
C VAL B 63 18.35 -11.52 3.57
N PRO B 64 18.48 -11.70 4.88
CA PRO B 64 18.33 -13.04 5.46
C PRO B 64 17.01 -13.70 5.06
N GLY B 65 17.10 -14.94 4.58
CA GLY B 65 15.94 -15.68 4.14
C GLY B 65 15.65 -15.63 2.66
N PHE B 66 16.19 -14.62 1.95
CA PHE B 66 15.82 -14.42 0.54
C PHE B 66 16.32 -15.52 -0.38
N VAL B 67 17.59 -15.92 -0.24
CA VAL B 67 18.15 -16.92 -1.14
C VAL B 67 17.71 -18.34 -0.77
N ASP B 68 16.93 -18.47 0.30
CA ASP B 68 16.30 -19.74 0.63
C ASP B 68 15.17 -20.03 -0.35
N LEU B 69 14.65 -18.97 -0.97
CA LEU B 69 13.54 -19.09 -1.88
C LEU B 69 14.03 -19.61 -3.21
N THR B 70 13.12 -20.15 -4.02
CA THR B 70 13.49 -20.57 -5.36
C THR B 70 13.81 -19.35 -6.21
N LEU B 71 14.60 -19.55 -7.25
CA LEU B 71 14.94 -18.47 -8.15
C LEU B 71 13.69 -17.78 -8.68
N HIS B 72 12.65 -18.56 -8.99
CA HIS B 72 11.39 -18.02 -9.52
CA HIS B 72 11.44 -17.96 -9.54
C HIS B 72 10.71 -17.09 -8.52
N ASP B 73 10.73 -17.50 -7.26
CA ASP B 73 10.11 -16.69 -6.22
C ASP B 73 10.94 -15.44 -5.93
N GLN B 74 12.25 -15.56 -6.01
CA GLN B 74 13.13 -14.39 -5.90
C GLN B 74 12.83 -13.39 -7.01
N VAL B 75 12.69 -13.91 -8.24
CA VAL B 75 12.36 -13.07 -9.38
C VAL B 75 11.04 -12.36 -9.15
N HIS B 76 10.04 -13.12 -8.68
CA HIS B 76 8.72 -12.53 -8.47
C HIS B 76 8.77 -11.42 -7.43
N LEU B 77 9.44 -11.66 -6.31
CA LEU B 77 9.51 -10.62 -5.28
C LEU B 77 10.17 -9.33 -5.78
N LEU B 78 11.31 -9.49 -6.43
CA LEU B 78 12.00 -8.33 -7.00
C LEU B 78 11.19 -7.61 -8.08
N GLU B 79 10.57 -8.36 -8.99
CA GLU B 79 9.72 -7.72 -9.99
C GLU B 79 8.59 -6.91 -9.36
N ALA B 81 8.53 -5.55 -6.20
CA ALA B 81 8.99 -4.54 -5.24
C ALA B 81 10.03 -3.53 -5.74
N TRP B 82 10.59 -3.71 -6.94
CA TRP B 82 11.79 -2.93 -7.30
C TRP B 82 11.62 -1.41 -7.20
N LEU B 83 10.48 -0.88 -7.66
CA LEU B 83 10.30 0.56 -7.65
C LEU B 83 9.98 1.07 -6.25
N GLU B 84 9.22 0.30 -5.47
CA GLU B 84 9.03 0.60 -4.04
C GLU B 84 10.37 0.75 -3.32
N ILE B 85 11.26 -0.18 -3.61
CA ILE B 85 12.59 -0.18 -3.01
C ILE B 85 13.44 1.02 -3.46
N LEU B 86 13.43 1.33 -4.75
CA LEU B 86 14.14 2.52 -5.20
C LEU B 86 13.56 3.77 -4.55
N MET B 87 12.23 3.84 -4.46
CA MET B 87 11.61 5.00 -3.86
C MET B 87 11.88 5.17 -2.37
N ILE B 88 11.81 4.08 -1.59
CA ILE B 88 12.04 4.25 -0.16
C ILE B 88 13.50 4.66 0.06
N GLY B 89 14.40 4.13 -0.77
CA GLY B 89 15.79 4.56 -0.73
C GLY B 89 15.93 6.06 -0.96
N LEU B 90 15.28 6.55 -2.00
CA LEU B 90 15.28 7.98 -2.34
C LEU B 90 14.72 8.84 -1.20
N VAL B 91 13.59 8.41 -0.67
CA VAL B 91 12.98 9.14 0.43
C VAL B 91 13.95 9.21 1.62
N TRP B 92 14.57 8.08 1.95
CA TRP B 92 15.56 8.04 3.02
C TRP B 92 16.74 9.00 2.77
N ARG B 93 17.33 8.96 1.58
CA ARG B 93 18.46 9.86 1.27
C ARG B 93 18.06 11.34 1.38
N SER B 94 16.79 11.62 1.14
CA SER B 94 16.29 13.00 1.06
C SER B 94 15.80 13.53 2.41
N MET B 95 15.81 12.69 3.42
CA MET B 95 15.19 13.03 4.70
C MET B 95 15.71 14.31 5.32
N GLU B 96 17.02 14.56 5.18
CA GLU B 96 17.65 15.76 5.75
C GLU B 96 17.69 16.93 4.77
N HIS B 97 16.93 16.83 3.68
CA HIS B 97 16.92 17.89 2.69
C HIS B 97 15.48 18.31 2.40
N PRO B 98 14.85 18.96 3.38
CA PRO B 98 13.44 19.33 3.20
C PRO B 98 13.20 20.07 1.90
N GLY B 99 12.17 19.64 1.16
CA GLY B 99 11.79 20.25 -0.10
C GLY B 99 12.57 19.75 -1.31
N LYS B 100 13.52 18.85 -1.07
CA LYS B 100 14.38 18.35 -2.14
C LYS B 100 14.44 16.83 -2.15
N LEU B 101 14.76 16.27 -3.31
CA LEU B 101 14.95 14.84 -3.48
C LEU B 101 16.37 14.55 -3.90
N LEU B 102 17.08 13.82 -3.04
CA LEU B 102 18.48 13.51 -3.29
CA LEU B 102 18.48 13.50 -3.28
C LEU B 102 18.57 12.23 -4.11
N PHE B 103 18.41 12.36 -5.41
CA PHE B 103 18.53 11.21 -6.31
C PHE B 103 19.96 10.70 -6.26
N ALA B 104 20.91 11.62 -6.19
CA ALA B 104 22.31 11.31 -5.98
C ALA B 104 22.97 12.51 -5.31
N PRO B 105 24.16 12.32 -4.71
CA PRO B 105 24.80 13.45 -4.02
C PRO B 105 25.00 14.64 -4.96
N ASN B 106 25.17 14.36 -6.24
CA ASN B 106 25.35 15.40 -7.25
C ASN B 106 24.12 15.58 -8.10
N LEU B 107 23.00 15.05 -7.63
CA LEU B 107 21.72 15.27 -8.28
C LEU B 107 20.65 15.45 -7.22
N LEU B 108 20.65 16.63 -6.60
CA LEU B 108 19.69 17.01 -5.58
C LEU B 108 18.68 17.97 -6.21
N LEU B 109 17.45 17.48 -6.41
CA LEU B 109 16.46 18.24 -7.16
C LEU B 109 15.39 18.86 -6.27
N ASP B 110 15.08 20.13 -6.53
CA ASP B 110 14.00 20.77 -5.81
CA ASP B 110 14.01 20.81 -5.83
C ASP B 110 12.67 20.40 -6.42
N ARG B 111 11.61 20.54 -5.63
CA ARG B 111 10.26 20.21 -6.05
C ARG B 111 9.91 20.74 -7.45
N ASN B 112 10.31 21.97 -7.74
CA ASN B 112 9.94 22.63 -9.01
C ASN B 112 10.63 22.05 -10.24
N GLN B 113 11.76 21.39 -10.05
CA GLN B 113 12.45 20.78 -11.18
C GLN B 113 11.71 19.55 -11.67
N GLY B 114 10.80 19.06 -10.85
CA GLY B 114 9.94 17.97 -11.25
C GLY B 114 9.08 18.36 -12.43
N LYS B 115 8.82 19.66 -12.58
CA LYS B 115 8.00 20.15 -13.68
C LYS B 115 8.70 20.04 -15.04
N VAL B 117 9.62 17.61 -16.42
CA VAL B 117 9.09 16.42 -17.07
C VAL B 117 7.60 16.32 -16.81
N GLU B 118 6.83 16.07 -17.86
CA GLU B 118 5.37 16.02 -17.75
C GLU B 118 4.92 14.94 -16.77
N GLY B 119 4.06 15.32 -15.83
CA GLY B 119 3.48 14.37 -14.88
C GLY B 119 4.38 14.03 -13.71
N MET B 120 5.61 14.51 -13.74
CA MET B 120 6.59 14.16 -12.72
C MET B 120 6.39 14.87 -11.38
N VAL B 121 5.93 16.12 -11.42
CA VAL B 121 5.81 16.90 -10.18
C VAL B 121 4.85 16.25 -9.17
N GLU B 122 3.78 15.64 -9.67
CA GLU B 122 2.83 14.95 -8.81
C GLU B 122 3.53 13.82 -8.06
N ILE B 123 4.39 13.10 -8.76
CA ILE B 123 5.16 12.03 -8.13
C ILE B 123 6.16 12.63 -7.14
N PHE B 124 6.88 13.67 -7.57
CA PHE B 124 7.79 14.38 -6.66
C PHE B 124 7.09 14.78 -5.37
N ASP B 125 5.88 15.33 -5.47
CA ASP B 125 5.18 15.81 -4.29
C ASP B 125 4.88 14.67 -3.30
N MET B 126 4.54 13.50 -3.84
CA MET B 126 4.28 12.33 -2.99
C MET B 126 5.56 11.87 -2.28
N LEU B 127 6.67 11.85 -3.02
CA LEU B 127 7.94 11.46 -2.44
C LEU B 127 8.40 12.44 -1.36
N LEU B 128 8.20 13.74 -1.62
CA LEU B 128 8.58 14.78 -0.68
C LEU B 128 7.74 14.69 0.59
N ALA B 129 6.46 14.40 0.44
CA ALA B 129 5.59 14.23 1.61
C ALA B 129 5.99 13.02 2.46
N THR B 130 6.43 11.95 1.80
CA THR B 130 6.95 10.79 2.55
C THR B 130 8.23 11.16 3.29
N SER B 131 9.12 11.90 2.63
CA SER B 131 10.35 12.32 3.28
C SER B 131 10.03 13.16 4.53
N SER B 132 9.07 14.07 4.39
CA SER B 132 8.65 14.90 5.52
CA SER B 132 8.62 14.90 5.50
C SER B 132 8.12 14.05 6.67
N ARG B 133 7.35 13.02 6.35
CA ARG B 133 6.86 12.09 7.37
C ARG B 133 8.00 11.39 8.12
N PHE B 134 8.99 10.88 7.37
CA PHE B 134 10.18 10.28 7.96
C PHE B 134 10.86 11.23 8.94
N ARG B 135 10.95 12.48 8.51
CA ARG B 135 11.55 13.55 9.29
C ARG B 135 10.71 13.79 10.56
N MET B 136 9.41 13.92 10.36
CA MET B 136 8.44 14.07 11.44
C MET B 136 8.64 12.97 12.51
N MET B 137 8.81 11.73 12.05
CA MET B 137 8.97 10.57 12.95
C MET B 137 10.38 10.36 13.45
N ASN B 138 11.33 11.13 12.93
CA ASN B 138 12.73 10.88 13.21
C ASN B 138 13.14 9.43 12.90
N LEU B 139 12.76 8.96 11.71
CA LEU B 139 13.11 7.62 11.29
C LEU B 139 14.61 7.35 11.42
N GLN B 140 14.96 6.24 12.05
CA GLN B 140 16.36 5.86 12.24
C GLN B 140 16.87 4.93 11.15
N GLY B 141 18.18 4.97 10.90
CA GLY B 141 18.78 4.12 9.88
C GLY B 141 18.50 2.64 10.06
N GLU B 142 18.51 2.19 11.30
CA GLU B 142 18.24 0.79 11.61
C GLU B 142 16.80 0.40 11.28
N GLU B 143 15.88 1.33 11.50
CA GLU B 143 14.46 1.15 11.14
C GLU B 143 14.30 1.13 9.63
N PHE B 144 14.99 2.04 8.95
CA PHE B 144 14.89 2.13 7.50
C PHE B 144 15.25 0.80 6.84
N VAL B 145 16.35 0.18 7.26
CA VAL B 145 16.77 -1.07 6.61
C VAL B 145 15.80 -2.20 6.89
N CYS B 146 15.17 -2.19 8.05
CA CYS B 146 14.12 -3.16 8.33
C CYS B 146 12.95 -2.95 7.38
N LEU B 147 12.51 -1.72 7.20
CA LEU B 147 11.35 -1.42 6.35
C LEU B 147 11.62 -1.82 4.92
N LYS B 148 12.84 -1.59 4.45
CA LYS B 148 13.17 -1.88 3.08
C LYS B 148 13.15 -3.39 2.80
N SER B 149 13.62 -4.20 3.76
CA SER B 149 13.53 -5.65 3.64
CA SER B 149 13.52 -5.65 3.62
C SER B 149 12.08 -6.14 3.73
N ILE B 150 11.28 -5.48 4.55
CA ILE B 150 9.85 -5.82 4.63
C ILE B 150 9.18 -5.64 3.26
N ILE B 151 9.49 -4.54 2.58
CA ILE B 151 8.94 -4.30 1.24
C ILE B 151 9.31 -5.44 0.30
N LEU B 152 10.60 -5.80 0.28
CA LEU B 152 11.06 -6.88 -0.57
C LEU B 152 10.29 -8.18 -0.33
N LEU B 153 10.13 -8.57 0.93
CA LEU B 153 9.50 -9.85 1.26
C LEU B 153 7.96 -9.82 1.18
N ASN B 154 7.37 -8.67 1.46
CA ASN B 154 5.92 -8.54 1.56
C ASN B 154 5.20 -8.23 0.25
N SER B 155 5.78 -7.37 -0.58
CA SER B 155 4.98 -6.81 -1.67
C SER B 155 4.37 -7.87 -2.61
N GLY B 156 5.15 -8.88 -2.96
CA GLY B 156 4.68 -9.91 -3.87
C GLY B 156 4.29 -11.22 -3.21
N VAL B 157 4.29 -11.26 -1.88
CA VAL B 157 4.11 -12.52 -1.17
C VAL B 157 2.71 -13.13 -1.35
N TYR B 158 1.71 -12.28 -1.55
CA TYR B 158 0.35 -12.80 -1.81
C TYR B 158 0.08 -13.08 -3.29
N THR B 159 0.99 -12.62 -4.15
CA THR B 159 0.86 -12.87 -5.59
C THR B 159 1.39 -14.26 -5.91
N PHE B 160 1.79 -14.99 -4.87
CA PHE B 160 2.24 -16.37 -5.02
C PHE B 160 1.06 -17.26 -5.38
N GLU B 170 7.01 -21.92 0.49
CA GLU B 170 7.49 -20.58 0.21
C GLU B 170 6.88 -19.53 1.14
N LYS B 171 5.56 -19.41 1.08
CA LYS B 171 4.83 -18.39 1.86
C LYS B 171 5.08 -18.47 3.36
N ASP B 172 4.97 -19.67 3.94
CA ASP B 172 5.17 -19.85 5.38
C ASP B 172 6.54 -19.37 5.86
N HIS B 173 7.58 -19.73 5.11
CA HIS B 173 8.93 -19.31 5.44
C HIS B 173 9.06 -17.79 5.35
N ILE B 174 8.53 -17.21 4.27
CA ILE B 174 8.56 -15.77 4.09
C ILE B 174 7.86 -15.05 5.26
N HIS B 175 6.73 -15.59 5.70
CA HIS B 175 6.00 -14.93 6.80
C HIS B 175 6.75 -15.04 8.13
N ARG B 176 7.48 -16.13 8.32
CA ARG B 176 8.31 -16.27 9.54
C ARG B 176 9.47 -15.30 9.53
N VAL B 177 10.05 -15.08 8.35
CA VAL B 177 11.10 -14.10 8.20
C VAL B 177 10.55 -12.69 8.42
N LEU B 178 9.36 -12.43 7.88
CA LEU B 178 8.73 -11.15 8.15
C LEU B 178 8.52 -10.93 9.66
N ASP B 179 8.07 -11.97 10.36
CA ASP B 179 7.87 -11.83 11.81
C ASP B 179 9.18 -11.48 12.52
N LYS B 180 10.26 -12.10 12.07
CA LYS B 180 11.58 -11.84 12.64
C LYS B 180 11.97 -10.38 12.42
N ILE B 181 11.61 -9.83 11.28
CA ILE B 181 11.91 -8.41 11.04
C ILE B 181 11.04 -7.52 11.91
N THR B 182 9.81 -7.94 12.14
CA THR B 182 8.95 -7.20 13.05
C THR B 182 9.57 -7.20 14.44
N ASP B 183 9.99 -8.37 14.89
CA ASP B 183 10.67 -8.51 16.17
C ASP B 183 11.86 -7.55 16.28
N THR B 184 12.59 -7.44 15.16
CA THR B 184 13.78 -6.57 15.09
C THR B 184 13.42 -5.08 15.20
N LEU B 185 12.38 -4.66 14.49
CA LEU B 185 11.89 -3.28 14.66
C LEU B 185 11.53 -2.98 16.10
N ILE B 186 10.82 -3.91 16.72
CA ILE B 186 10.36 -3.73 18.09
C ILE B 186 11.58 -3.69 19.05
N HIS B 187 12.55 -4.56 18.79
CA HIS B 187 13.82 -4.57 19.55
C HIS B 187 14.51 -3.20 19.51
N LEU B 188 14.54 -2.60 18.33
CA LEU B 188 15.17 -1.29 18.17
C LEU B 188 14.44 -0.20 18.93
N MET B 189 13.12 -0.30 18.98
CA MET B 189 12.33 0.69 19.69
C MET B 189 12.48 0.53 21.19
N ALA B 190 12.51 -0.70 21.65
CA ALA B 190 12.68 -0.97 23.07
C ALA B 190 14.06 -0.46 23.48
N LYS B 191 15.06 -0.78 22.67
CA LYS B 191 16.41 -0.29 22.91
C LYS B 191 16.48 1.24 23.00
N ALA B 192 15.61 1.90 22.25
CA ALA B 192 15.62 3.35 22.22
C ALA B 192 14.85 3.95 23.39
N GLY B 193 14.27 3.09 24.23
CA GLY B 193 13.59 3.53 25.43
C GLY B 193 12.10 3.79 25.32
N LEU B 194 11.51 3.41 24.19
CA LEU B 194 10.06 3.59 24.06
C LEU B 194 9.30 2.65 24.97
N THR B 195 8.19 3.13 25.52
CA THR B 195 7.28 2.29 26.26
C THR B 195 6.62 1.32 25.28
N LEU B 196 6.06 0.24 25.83
CA LEU B 196 5.32 -0.73 25.04
C LEU B 196 4.25 -0.07 24.16
N GLN B 197 3.49 0.85 24.74
CA GLN B 197 2.43 1.54 24.01
C GLN B 197 3.02 2.34 22.85
N GLN B 198 4.14 3.00 23.11
CA GLN B 198 4.84 3.77 22.09
C GLN B 198 5.44 2.90 20.99
N GLN B 199 5.94 1.71 21.37
CA GLN B 199 6.48 0.76 20.39
C GLN B 199 5.39 0.33 19.41
N HIS B 200 4.24 -0.09 19.93
CA HIS B 200 3.17 -0.56 19.05
C HIS B 200 2.68 0.57 18.15
N GLN B 201 2.51 1.76 18.72
CA GLN B 201 2.10 2.90 17.91
C GLN B 201 3.09 3.22 16.79
N ARG B 202 4.38 3.20 17.12
CA ARG B 202 5.41 3.55 16.14
C ARG B 202 5.55 2.48 15.07
N LEU B 203 5.41 1.22 15.48
CA LEU B 203 5.48 0.13 14.53
C LEU B 203 4.34 0.35 13.53
N ALA B 204 3.15 0.64 14.03
CA ALA B 204 2.01 0.85 13.12
C ALA B 204 2.25 2.03 12.18
N GLN B 205 2.74 3.13 12.74
CA GLN B 205 3.06 4.32 11.95
C GLN B 205 4.03 4.01 10.82
N LEU B 206 5.03 3.19 11.12
CA LEU B 206 6.02 2.83 10.11
C LEU B 206 5.43 1.95 9.02
N LEU B 207 4.65 0.95 9.42
CA LEU B 207 4.11 0.03 8.43
C LEU B 207 3.05 0.72 7.56
N LEU B 208 2.37 1.73 8.11
CA LEU B 208 1.36 2.44 7.32
C LEU B 208 2.02 3.27 6.21
N ILE B 209 3.26 3.69 6.42
CA ILE B 209 3.97 4.37 5.34
C ILE B 209 4.13 3.44 4.14
N LEU B 210 4.25 2.13 4.38
CA LEU B 210 4.41 1.19 3.26
C LEU B 210 3.23 1.21 2.30
N SER B 211 2.03 1.54 2.80
CA SER B 211 0.87 1.67 1.91
CA SER B 211 0.88 1.65 1.90
C SER B 211 1.06 2.83 0.96
N HIS B 212 1.60 3.92 1.48
CA HIS B 212 1.88 5.11 0.68
CA HIS B 212 1.88 5.11 0.68
C HIS B 212 2.97 4.84 -0.35
N ILE B 213 3.99 4.08 0.05
CA ILE B 213 5.07 3.72 -0.86
C ILE B 213 4.55 2.82 -2.00
N ARG B 214 3.66 1.88 -1.67
CA ARG B 214 2.99 1.09 -2.71
C ARG B 214 2.27 1.99 -3.70
N HIS B 215 1.48 2.91 -3.16
CA HIS B 215 0.77 3.88 -4.00
C HIS B 215 1.71 4.64 -4.95
N MET B 216 2.81 5.14 -4.40
CA MET B 216 3.75 5.90 -5.22
C MET B 216 4.37 5.05 -6.32
N SER B 217 4.72 3.82 -5.97
CA SER B 217 5.25 2.88 -6.96
C SER B 217 4.27 2.62 -8.10
N ASN B 218 3.02 2.37 -7.76
CA ASN B 218 2.01 2.14 -8.78
C ASN B 218 1.86 3.35 -9.70
N LYS B 219 1.83 4.55 -9.11
CA LYS B 219 1.74 5.76 -9.92
C LYS B 219 3.00 5.98 -10.76
N GLY B 220 4.15 5.70 -10.16
CA GLY B 220 5.41 5.84 -10.85
C GLY B 220 5.54 4.86 -11.99
N MET B 221 4.98 3.67 -11.82
CA MET B 221 5.03 2.63 -12.86
C MET B 221 4.18 3.03 -14.06
N GLU B 222 3.01 3.62 -13.78
CA GLU B 222 2.13 4.14 -14.82
C GLU B 222 2.84 5.23 -15.63
N HIS B 223 3.49 6.14 -14.91
CA HIS B 223 4.22 7.25 -15.49
C HIS B 223 5.34 6.72 -16.37
N LEU B 224 6.11 5.79 -15.82
CA LEU B 224 7.22 5.18 -16.53
C LEU B 224 6.75 4.48 -17.82
N TYR B 225 5.64 3.75 -17.73
CA TYR B 225 5.11 3.06 -18.88
C TYR B 225 4.74 4.06 -19.97
N SER B 226 4.30 5.23 -19.54
CA SER B 226 3.92 6.31 -20.44
C SER B 226 5.13 6.93 -21.14
N MET B 227 6.26 7.00 -20.44
CA MET B 227 7.49 7.51 -21.03
C MET B 227 8.05 6.49 -22.02
N LYS B 228 7.80 5.21 -21.73
CA LYS B 228 8.29 4.12 -22.55
C LYS B 228 7.55 4.05 -23.89
N CYS B 229 6.28 4.46 -23.88
CA CYS B 229 5.47 4.43 -25.09
C CYS B 229 5.71 5.64 -25.98
N LYS B 230 5.83 6.82 -25.37
CA LYS B 230 6.24 8.02 -26.08
C LYS B 230 7.73 7.90 -26.41
N ASN B 231 8.05 6.91 -27.24
CA ASN B 231 9.42 6.52 -27.57
C ASN B 231 10.43 7.68 -27.66
N VAL B 232 10.85 8.20 -26.52
CA VAL B 232 11.81 9.30 -26.48
C VAL B 232 13.00 8.95 -25.60
N VAL B 233 12.74 8.79 -24.30
CA VAL B 233 13.78 8.39 -23.35
C VAL B 233 14.10 6.90 -23.46
N PRO B 234 15.38 6.57 -23.71
CA PRO B 234 15.80 5.17 -23.82
C PRO B 234 15.88 4.50 -22.44
N LEU B 235 15.27 3.32 -22.33
CA LEU B 235 15.33 2.55 -21.09
C LEU B 235 16.20 1.32 -21.31
N SER B 236 17.00 0.98 -20.32
CA SER B 236 17.83 -0.22 -20.37
C SER B 236 16.97 -1.45 -20.55
N ASP B 237 17.57 -2.53 -21.06
CA ASP B 237 16.87 -3.80 -21.23
C ASP B 237 16.36 -4.33 -19.89
N LEU B 238 17.18 -4.18 -18.85
CA LEU B 238 16.77 -4.60 -17.52
C LEU B 238 15.53 -3.84 -17.08
N LEU B 239 15.59 -2.51 -17.22
CA LEU B 239 14.47 -1.65 -16.84
C LEU B 239 13.17 -1.99 -17.58
N LEU B 240 13.28 -2.22 -18.88
CA LEU B 240 12.13 -2.57 -19.69
C LEU B 240 11.49 -3.88 -19.22
N GLU B 241 12.32 -4.82 -18.79
CA GLU B 241 11.82 -6.09 -18.27
C GLU B 241 11.14 -5.91 -16.90
N MET B 242 11.76 -5.10 -16.03
CA MET B 242 11.13 -4.81 -14.73
C MET B 242 9.79 -4.11 -14.92
N LEU B 243 9.73 -3.21 -15.91
CA LEU B 243 8.49 -2.50 -16.20
C LEU B 243 7.45 -3.46 -16.74
N ASP B 244 7.88 -4.31 -17.67
CA ASP B 244 6.99 -5.26 -18.32
C ASP B 244 6.33 -6.24 -17.35
N ALA B 245 7.01 -6.53 -16.24
CA ALA B 245 6.48 -7.46 -15.23
C ALA B 245 5.19 -6.94 -14.61
N HIS B 246 4.97 -5.63 -14.71
CA HIS B 246 3.77 -5.03 -14.15
C HIS B 246 2.67 -4.85 -15.20
N ARG B 247 2.92 -5.37 -16.40
CA ARG B 247 1.98 -5.25 -17.52
C ARG B 247 1.95 -3.83 -18.06
N LYS C 3 -19.12 19.76 -6.34
CA LYS C 3 -18.76 18.34 -6.24
C LYS C 3 -19.79 17.55 -5.43
N ILE C 4 -20.23 16.43 -5.98
CA ILE C 4 -21.32 15.65 -5.40
C ILE C 4 -21.01 15.09 -4.02
N LEU C 5 -19.79 14.60 -3.85
CA LEU C 5 -19.39 14.04 -2.55
C LEU C 5 -19.49 15.12 -1.48
N HIS C 6 -19.08 16.33 -1.85
CA HIS C 6 -19.09 17.47 -0.96
C HIS C 6 -20.51 17.74 -0.46
N ARG C 7 -21.48 17.69 -1.37
CA ARG C 7 -22.90 17.86 -0.99
C ARG C 7 -23.38 16.68 -0.14
N LEU C 8 -23.02 15.46 -0.53
CA LEU C 8 -23.49 14.28 0.18
C LEU C 8 -22.97 14.18 1.61
N LEU C 9 -21.79 14.74 1.87
CA LEU C 9 -21.23 14.76 3.21
C LEU C 9 -22.00 15.67 4.17
N GLN C 10 -22.87 16.50 3.64
CA GLN C 10 -23.60 17.45 4.47
C GLN C 10 -25.04 16.99 4.77
N GLU C 11 -25.45 15.92 4.10
CA GLU C 11 -26.80 15.40 4.28
C GLU C 11 -26.84 14.32 5.36
N LYS D 3 15.28 -14.28 -18.68
CA LYS D 3 15.16 -12.90 -18.23
C LYS D 3 16.49 -12.41 -17.66
N ILE D 4 16.79 -11.13 -17.88
CA ILE D 4 18.02 -10.54 -17.35
C ILE D 4 18.08 -10.65 -15.83
N LEU D 5 16.95 -10.43 -15.17
CA LEU D 5 16.90 -10.49 -13.72
C LEU D 5 17.24 -11.90 -13.27
N HIS D 6 16.71 -12.88 -13.99
CA HIS D 6 17.00 -14.27 -13.72
C HIS D 6 18.52 -14.50 -13.78
N ARG D 7 19.17 -13.89 -14.76
CA ARG D 7 20.61 -14.05 -14.96
C ARG D 7 21.43 -13.40 -13.85
N LEU D 8 21.01 -12.23 -13.39
CA LEU D 8 21.75 -11.52 -12.33
C LEU D 8 21.62 -12.23 -10.99
N LEU D 9 20.48 -12.88 -10.76
CA LEU D 9 20.23 -13.56 -9.50
C LEU D 9 21.07 -14.83 -9.36
N GLN D 10 21.54 -15.37 -10.49
CA GLN D 10 22.45 -16.51 -10.46
C GLN D 10 23.89 -16.06 -10.52
N GLU D 11 24.26 -15.44 -11.64
CA GLU D 11 25.60 -14.91 -11.82
C GLU D 11 25.88 -13.77 -10.85
#